data_8WAG
#
_entry.id   8WAG
#
_cell.length_a   180.702
_cell.length_b   180.702
_cell.length_c   180.702
_cell.angle_alpha   90.000
_cell.angle_beta   90.000
_cell.angle_gamma   90.000
#
_symmetry.space_group_name_H-M   'I 21 3'
#
_entity_poly.entity_id   1
_entity_poly.type   'polypeptide(L)'
_entity_poly.pdbx_seq_one_letter_code
;GPLGSNKVHRAPELVEFYQSLMKRESKKEGAPSLISSGTGNSSAARNNMIGEIENRSTFLLAVKADVETQGDFVQSLATE
VRASSFTDIEDLLAFVSWLDEELSFLVDERAVLKHFDWPEGKADALREAAFEYQDLMKLEKQVTSFVDDPNLSCEPALKK
MYKLLEKVEQSVYALLRTRDMAISRYKEFGIPVDWLSDTGVVGKIKLSSVQLAKKYMKRVAYELDSVSGSDKDPNREFLL
LQGVRFAFRVHQFAGGFDAESMKAFEELRSRA
;
_entity_poly.pdbx_strand_id   A,B
#
# COMPACT_ATOMS: atom_id res chain seq x y z
N HIS A 9 -17.98 36.88 -37.83
CA HIS A 9 -19.29 36.50 -37.30
C HIS A 9 -19.60 37.30 -36.03
N ARG A 10 -19.74 36.60 -34.91
CA ARG A 10 -20.27 37.17 -33.69
C ARG A 10 -19.35 37.09 -32.48
N ALA A 11 -18.18 37.71 -32.56
CA ALA A 11 -17.29 37.89 -31.39
C ALA A 11 -17.75 38.97 -30.39
N PRO A 12 -18.28 40.12 -30.87
CA PRO A 12 -18.83 41.07 -29.89
C PRO A 12 -19.90 40.50 -28.93
N GLU A 13 -20.89 39.77 -29.45
CA GLU A 13 -21.95 39.18 -28.64
C GLU A 13 -21.38 38.26 -27.58
N LEU A 14 -20.33 37.55 -27.98
CA LEU A 14 -19.63 36.58 -27.15
C LEU A 14 -18.98 37.31 -25.98
N VAL A 15 -18.18 38.33 -26.30
CA VAL A 15 -17.51 39.13 -25.26
C VAL A 15 -18.50 39.83 -24.34
N GLU A 16 -19.58 40.38 -24.88
CA GLU A 16 -20.63 40.95 -24.04
C GLU A 16 -21.22 39.90 -23.09
N PHE A 17 -21.39 38.68 -23.58
CA PHE A 17 -21.90 37.59 -22.75
C PHE A 17 -20.94 37.34 -21.57
N TYR A 18 -19.67 37.16 -21.89
CA TYR A 18 -18.65 36.91 -20.85
C TYR A 18 -18.55 38.04 -19.83
N GLN A 19 -18.42 39.28 -20.30
CA GLN A 19 -18.44 40.43 -19.39
C GLN A 19 -19.67 40.45 -18.49
N SER A 20 -20.85 40.52 -19.11
CA SER A 20 -22.12 40.51 -18.37
C SER A 20 -22.31 39.28 -17.47
N LEU A 21 -21.39 38.34 -17.55
CA LEU A 21 -21.41 37.18 -16.66
C LEU A 21 -20.50 37.38 -15.46
N MET A 22 -19.45 38.18 -15.64
CA MET A 22 -18.49 38.49 -14.58
C MET A 22 -19.02 39.42 -13.46
N LYS A 23 -20.23 39.13 -12.97
CA LYS A 23 -20.83 39.87 -11.86
C LYS A 23 -21.31 38.93 -10.75
N GLU A 54 -18.99 15.09 -2.47
CA GLU A 54 -20.37 14.64 -2.54
C GLU A 54 -20.74 13.71 -1.39
N ASN A 55 -20.30 12.46 -1.50
CA ASN A 55 -20.50 11.46 -0.47
C ASN A 55 -19.43 11.63 0.62
N ARG A 56 -18.39 12.40 0.29
CA ARG A 56 -17.18 12.54 1.10
C ARG A 56 -17.33 13.48 2.30
N SER A 57 -18.15 14.51 2.16
CA SER A 57 -18.35 15.42 3.26
C SER A 57 -19.01 14.74 4.46
N THR A 58 -20.04 13.95 4.18
CA THR A 58 -20.68 13.11 5.18
C THR A 58 -19.67 12.17 5.85
N PHE A 59 -18.87 11.47 5.05
CA PHE A 59 -17.78 10.67 5.58
C PHE A 59 -16.86 11.47 6.51
N LEU A 60 -16.45 12.66 6.09
CA LEU A 60 -15.54 13.45 6.92
C LEU A 60 -16.22 13.72 8.25
N LEU A 61 -17.48 14.13 8.24
CA LEU A 61 -18.21 14.39 9.49
C LEU A 61 -18.35 13.15 10.39
N ALA A 62 -18.58 11.98 9.80
CA ALA A 62 -18.68 10.74 10.59
C ALA A 62 -17.34 10.43 11.30
N VAL A 63 -16.25 10.67 10.57
CA VAL A 63 -14.93 10.45 11.09
C VAL A 63 -14.68 11.45 12.22
N LYS A 64 -14.88 12.73 11.94
CA LYS A 64 -14.79 13.79 12.96
C LYS A 64 -15.57 13.48 14.21
N ALA A 65 -16.81 13.01 14.03
CA ALA A 65 -17.64 12.57 15.15
C ALA A 65 -16.90 11.55 16.00
N ASP A 66 -16.38 10.50 15.36
CA ASP A 66 -15.59 9.50 16.11
C ASP A 66 -14.37 10.10 16.80
N VAL A 67 -13.61 10.92 16.09
CA VAL A 67 -12.37 11.48 16.64
C VAL A 67 -12.64 12.31 17.89
N GLU A 68 -13.73 13.07 17.89
CA GLU A 68 -14.09 13.90 19.03
C GLU A 68 -14.71 13.09 20.17
N THR A 69 -15.70 12.27 19.85
CA THR A 69 -16.48 11.60 20.89
C THR A 69 -15.99 10.20 21.26
N GLN A 70 -14.85 9.79 20.73
CA GLN A 70 -14.29 8.46 21.01
C GLN A 70 -12.79 8.50 21.22
N GLY A 71 -12.23 9.70 21.36
CA GLY A 71 -10.82 9.87 21.60
C GLY A 71 -10.30 9.07 22.79
N ASP A 72 -11.02 9.12 23.90
CA ASP A 72 -10.57 8.43 25.09
C ASP A 72 -10.67 6.92 24.92
N PHE A 73 -11.74 6.49 24.27
CA PHE A 73 -11.93 5.07 23.98
C PHE A 73 -10.75 4.53 23.17
N VAL A 74 -10.35 5.29 22.15
CA VAL A 74 -9.26 4.89 21.25
C VAL A 74 -7.91 4.92 21.96
N GLN A 75 -7.66 5.97 22.73
CA GLN A 75 -6.43 6.05 23.50
C GLN A 75 -6.33 4.89 24.50
N SER A 76 -7.49 4.45 24.98
CA SER A 76 -7.59 3.31 25.90
C SER A 76 -7.16 2.01 25.21
N LEU A 77 -7.73 1.78 24.03
CA LEU A 77 -7.36 0.66 23.19
C LEU A 77 -5.84 0.67 22.95
N ALA A 78 -5.31 1.86 22.64
CA ALA A 78 -3.89 2.02 22.37
C ALA A 78 -3.04 1.63 23.60
N THR A 79 -3.46 2.07 24.79
CA THR A 79 -2.81 1.65 26.02
C THR A 79 -2.81 0.13 26.17
N GLU A 80 -3.94 -0.49 25.88
CA GLU A 80 -4.05 -1.92 26.13
C GLU A 80 -3.16 -2.69 25.18
N VAL A 81 -3.11 -2.24 23.94
CA VAL A 81 -2.29 -2.88 22.93
C VAL A 81 -0.84 -2.79 23.31
N ARG A 82 -0.41 -1.58 23.66
CA ARG A 82 0.97 -1.35 24.08
C ARG A 82 1.34 -2.16 25.30
N ALA A 83 0.40 -2.36 26.22
CA ALA A 83 0.67 -3.06 27.47
C ALA A 83 0.75 -4.55 27.32
N SER A 84 0.14 -5.08 26.28
CA SER A 84 -0.09 -6.51 26.17
C SER A 84 1.17 -7.34 26.02
N SER A 85 1.13 -8.52 26.59
CA SER A 85 2.21 -9.46 26.46
C SER A 85 1.57 -10.84 26.54
N PHE A 86 2.08 -11.77 25.73
CA PHE A 86 1.48 -13.07 25.66
C PHE A 86 2.52 -14.15 25.68
N THR A 87 2.15 -15.26 26.28
CA THR A 87 3.05 -16.37 26.40
C THR A 87 2.32 -17.57 25.82
N ASP A 88 1.01 -17.51 25.93
CA ASP A 88 0.10 -18.46 25.28
C ASP A 88 -0.47 -17.83 23.99
N ILE A 89 -0.42 -18.55 22.88
CA ILE A 89 -0.92 -18.00 21.61
C ILE A 89 -2.45 -17.89 21.64
N GLU A 90 -3.06 -18.66 22.52
CA GLU A 90 -4.51 -18.69 22.66
C GLU A 90 -5.02 -17.38 23.31
N ASP A 91 -4.22 -16.85 24.23
CA ASP A 91 -4.47 -15.53 24.82
C ASP A 91 -4.43 -14.46 23.79
N LEU A 92 -3.39 -14.52 22.98
CA LEU A 92 -3.21 -13.58 21.91
C LEU A 92 -4.47 -13.58 21.02
N LEU A 93 -4.89 -14.77 20.62
CA LEU A 93 -6.12 -14.90 19.86
C LEU A 93 -7.30 -14.19 20.48
N ALA A 94 -7.55 -14.48 21.75
CA ALA A 94 -8.62 -13.81 22.51
C ALA A 94 -8.51 -12.28 22.49
N PHE A 95 -7.28 -11.78 22.70
CA PHE A 95 -7.03 -10.36 22.68
C PHE A 95 -7.33 -9.73 21.31
N VAL A 96 -6.84 -10.33 20.23
CA VAL A 96 -7.09 -9.77 18.92
C VAL A 96 -8.59 -9.84 18.62
N SER A 97 -9.24 -10.90 19.07
CA SER A 97 -10.69 -10.99 18.91
C SER A 97 -11.39 -9.77 19.51
N TRP A 98 -11.04 -9.55 20.77
CA TRP A 98 -11.51 -8.40 21.53
C TRP A 98 -11.24 -7.07 20.82
N LEU A 99 -10.01 -6.90 20.35
CA LEU A 99 -9.56 -5.66 19.76
C LEU A 99 -10.29 -5.35 18.48
N ASP A 100 -10.55 -6.41 17.70
CA ASP A 100 -11.25 -6.22 16.44
C ASP A 100 -12.67 -5.78 16.74
N GLU A 101 -13.29 -6.45 17.72
CA GLU A 101 -14.63 -6.09 18.16
C GLU A 101 -14.71 -4.64 18.58
N GLU A 102 -13.74 -4.19 19.38
CA GLU A 102 -13.77 -2.83 19.87
C GLU A 102 -13.62 -1.86 18.73
N LEU A 103 -12.69 -2.17 17.83
CA LEU A 103 -12.42 -1.28 16.72
C LEU A 103 -13.55 -1.23 15.69
N SER A 104 -14.46 -2.22 15.74
CA SER A 104 -15.54 -2.24 14.78
C SER A 104 -16.57 -1.14 15.08
N PHE A 105 -16.46 -0.51 16.26
CA PHE A 105 -17.34 0.61 16.62
C PHE A 105 -16.89 1.89 15.93
N LEU A 106 -15.76 1.84 15.23
CA LEU A 106 -15.26 3.01 14.50
C LEU A 106 -15.78 2.99 13.08
N VAL A 107 -16.21 4.17 12.62
CA VAL A 107 -16.92 4.29 11.35
C VAL A 107 -16.06 3.78 10.19
N ASP A 108 -14.78 4.12 10.24
CA ASP A 108 -13.77 3.62 9.34
C ASP A 108 -12.48 3.57 10.14
N GLU A 109 -11.95 2.37 10.30
CA GLU A 109 -10.86 2.20 11.23
C GLU A 109 -9.62 3.01 10.84
N ARG A 110 -9.17 2.90 9.58
CA ARG A 110 -7.94 3.58 9.11
C ARG A 110 -8.04 5.11 9.17
N ALA A 111 -9.19 5.64 8.73
CA ALA A 111 -9.41 7.07 8.66
C ALA A 111 -9.38 7.68 10.04
N VAL A 112 -10.05 7.01 10.97
CA VAL A 112 -10.11 7.51 12.34
C VAL A 112 -8.77 7.36 13.04
N LEU A 113 -8.19 6.18 12.94
CA LEU A 113 -6.91 5.91 13.60
C LEU A 113 -5.78 6.80 13.10
N LYS A 114 -5.91 7.35 11.88
CA LYS A 114 -4.86 8.22 11.37
C LYS A 114 -4.79 9.57 12.12
N HIS A 115 -5.73 9.77 13.06
CA HIS A 115 -5.80 10.96 13.93
C HIS A 115 -5.12 10.76 15.28
N PHE A 116 -4.62 9.56 15.52
CA PHE A 116 -4.16 9.17 16.85
C PHE A 116 -2.74 8.65 16.88
N ASP A 117 -2.14 8.70 18.06
CA ASP A 117 -0.86 8.06 18.30
C ASP A 117 -1.14 6.59 18.55
N TRP A 118 -1.66 5.96 17.50
CA TRP A 118 -2.00 4.55 17.49
C TRP A 118 -0.76 3.70 17.23
N PRO A 119 -0.63 2.61 17.99
CA PRO A 119 0.52 1.74 17.79
C PRO A 119 0.32 0.79 16.61
N GLU A 120 0.37 1.32 15.38
CA GLU A 120 0.14 0.51 14.18
C GLU A 120 1.06 -0.71 14.05
N GLY A 121 2.36 -0.56 14.22
CA GLY A 121 3.28 -1.68 14.07
C GLY A 121 2.95 -2.91 14.88
N LYS A 122 2.73 -2.69 16.18
CA LYS A 122 2.41 -3.79 17.07
C LYS A 122 1.00 -4.34 16.84
N ALA A 123 0.05 -3.45 16.51
CA ALA A 123 -1.34 -3.84 16.28
C ALA A 123 -1.42 -4.76 15.06
N ASP A 124 -0.72 -4.37 14.00
CA ASP A 124 -0.51 -5.21 12.83
C ASP A 124 0.15 -6.53 13.14
N ALA A 125 1.28 -6.49 13.86
CA ALA A 125 1.95 -7.70 14.28
C ALA A 125 0.98 -8.67 14.93
N LEU A 126 0.19 -8.16 15.88
CA LEU A 126 -0.79 -8.98 16.58
C LEU A 126 -1.85 -9.58 15.65
N ARG A 127 -2.46 -8.77 14.77
CA ARG A 127 -3.51 -9.28 13.89
C ARG A 127 -2.93 -10.32 12.95
N GLU A 128 -1.68 -10.09 12.54
CA GLU A 128 -1.09 -10.94 11.54
C GLU A 128 -0.74 -12.25 12.15
N ALA A 129 -0.20 -12.22 13.36
CA ALA A 129 0.11 -13.44 14.10
C ALA A 129 -1.15 -14.26 14.33
N ALA A 130 -2.21 -13.58 14.74
CA ALA A 130 -3.48 -14.24 15.00
C ALA A 130 -3.94 -14.98 13.73
N PHE A 131 -3.85 -14.30 12.60
CA PHE A 131 -4.32 -14.86 11.35
C PHE A 131 -3.48 -16.06 10.90
N GLU A 132 -2.17 -15.89 10.88
CA GLU A 132 -1.27 -16.94 10.46
C GLU A 132 -1.46 -18.19 11.30
N TYR A 133 -1.48 -18.00 12.62
CA TYR A 133 -1.62 -19.15 13.49
C TYR A 133 -2.91 -19.93 13.19
N GLN A 134 -4.02 -19.22 13.09
CA GLN A 134 -5.31 -19.87 12.87
C GLN A 134 -5.36 -20.60 11.54
N ASP A 135 -4.67 -20.03 10.58
CA ASP A 135 -4.60 -20.61 9.25
C ASP A 135 -3.82 -21.91 9.21
N LEU A 136 -2.59 -21.84 9.71
CA LEU A 136 -1.71 -22.99 9.84
C LEU A 136 -2.40 -24.12 10.60
N MET A 137 -3.12 -23.75 11.65
CA MET A 137 -3.85 -24.72 12.41
C MET A 137 -4.94 -25.34 11.55
N LYS A 138 -5.66 -24.52 10.78
CA LYS A 138 -6.69 -25.05 9.88
C LYS A 138 -6.08 -26.08 8.98
N LEU A 139 -4.92 -25.75 8.43
CA LEU A 139 -4.27 -26.59 7.45
C LEU A 139 -3.89 -27.92 8.07
N GLU A 140 -3.27 -27.88 9.25
CA GLU A 140 -2.85 -29.10 9.89
C GLU A 140 -4.07 -29.98 10.19
N LYS A 141 -5.16 -29.41 10.68
CA LYS A 141 -6.29 -30.24 10.98
C LYS A 141 -6.84 -30.85 9.68
N GLN A 142 -6.66 -30.15 8.57
CA GLN A 142 -7.18 -30.63 7.31
C GLN A 142 -6.35 -31.81 6.76
N VAL A 143 -5.02 -31.73 6.87
CA VAL A 143 -4.12 -32.82 6.41
C VAL A 143 -4.14 -34.06 7.31
N THR A 144 -4.19 -33.82 8.62
CA THR A 144 -4.17 -34.89 9.59
C THR A 144 -5.43 -35.73 9.48
N SER A 145 -6.56 -35.04 9.39
CA SER A 145 -7.85 -35.69 9.35
C SER A 145 -8.32 -35.95 7.95
N PHE A 146 -7.39 -36.13 7.03
CA PHE A 146 -7.81 -36.39 5.67
C PHE A 146 -8.07 -37.86 5.49
N VAL A 147 -9.23 -38.18 4.92
CA VAL A 147 -9.56 -39.57 4.66
C VAL A 147 -9.75 -39.87 3.19
N ASP A 148 -9.01 -40.87 2.73
CA ASP A 148 -9.21 -41.43 1.39
C ASP A 148 -10.55 -42.15 1.32
N ASP A 149 -11.58 -41.43 0.87
CA ASP A 149 -12.93 -41.97 0.77
C ASP A 149 -13.00 -43.16 -0.21
N PRO A 150 -13.17 -44.39 0.32
CA PRO A 150 -13.18 -45.57 -0.56
C PRO A 150 -14.38 -45.58 -1.51
N ASN A 151 -15.39 -44.76 -1.20
CA ASN A 151 -16.54 -44.59 -2.07
C ASN A 151 -16.27 -43.68 -3.27
N LEU A 152 -14.99 -43.38 -3.50
CA LEU A 152 -14.53 -42.56 -4.62
C LEU A 152 -13.69 -43.41 -5.60
N SER A 153 -13.96 -43.30 -6.90
CA SER A 153 -13.15 -44.06 -7.87
C SER A 153 -11.71 -43.56 -7.86
N CYS A 154 -10.79 -44.32 -8.46
CA CYS A 154 -9.36 -44.02 -8.46
C CYS A 154 -8.98 -42.58 -8.80
N GLU A 155 -9.30 -42.13 -10.03
CA GLU A 155 -8.84 -40.82 -10.50
C GLU A 155 -9.21 -39.63 -9.59
N PRO A 156 -10.49 -39.53 -9.16
CA PRO A 156 -10.91 -38.43 -8.28
C PRO A 156 -10.25 -38.46 -6.90
N ALA A 157 -9.96 -39.67 -6.43
CA ALA A 157 -9.33 -39.91 -5.15
C ALA A 157 -7.85 -39.48 -5.13
N LEU A 158 -7.11 -39.96 -6.13
CA LEU A 158 -5.72 -39.56 -6.27
C LEU A 158 -5.63 -38.07 -6.52
N LYS A 159 -6.56 -37.53 -7.30
CA LYS A 159 -6.59 -36.09 -7.56
C LYS A 159 -6.87 -35.33 -6.27
N LYS A 160 -7.77 -35.84 -5.46
CA LYS A 160 -8.10 -35.19 -4.18
C LYS A 160 -6.83 -35.02 -3.35
N MET A 161 -6.12 -36.13 -3.16
CA MET A 161 -4.88 -36.09 -2.37
C MET A 161 -3.81 -35.20 -3.03
N TYR A 162 -3.67 -35.27 -4.36
CA TYR A 162 -2.67 -34.45 -5.06
C TYR A 162 -2.95 -32.96 -4.81
N LYS A 163 -4.21 -32.55 -4.93
CA LYS A 163 -4.55 -31.15 -4.76
C LYS A 163 -4.27 -30.69 -3.35
N LEU A 164 -4.55 -31.57 -2.38
CA LEU A 164 -4.28 -31.25 -0.98
C LEU A 164 -2.79 -31.05 -0.73
N LEU A 165 -2.00 -31.98 -1.24
CA LEU A 165 -0.54 -31.85 -1.16
C LEU A 165 -0.04 -30.53 -1.74
N GLU A 166 -0.58 -30.14 -2.90
CA GLU A 166 -0.22 -28.86 -3.48
C GLU A 166 -0.50 -27.72 -2.51
N LYS A 167 -1.73 -27.70 -1.98
CA LYS A 167 -2.09 -26.70 -0.98
C LYS A 167 -1.09 -26.63 0.17
N VAL A 168 -0.79 -27.80 0.73
CA VAL A 168 0.12 -27.90 1.86
C VAL A 168 1.48 -27.33 1.50
N GLU A 169 2.02 -27.78 0.35
CA GLU A 169 3.32 -27.34 -0.13
C GLU A 169 3.37 -25.82 -0.31
N GLN A 170 2.36 -25.23 -0.92
CA GLN A 170 2.38 -23.77 -1.12
C GLN A 170 2.40 -23.06 0.21
N SER A 171 1.51 -23.46 1.11
CA SER A 171 1.37 -22.76 2.38
C SER A 171 2.63 -22.80 3.20
N VAL A 172 3.21 -24.00 3.32
CA VAL A 172 4.41 -24.16 4.10
C VAL A 172 5.58 -23.40 3.46
N TYR A 173 5.67 -23.45 2.14
CA TYR A 173 6.79 -22.78 1.46
C TYR A 173 6.72 -21.27 1.69
N ALA A 174 5.51 -20.72 1.66
CA ALA A 174 5.32 -19.30 1.95
C ALA A 174 5.74 -19.02 3.38
N LEU A 175 5.30 -19.89 4.27
CA LEU A 175 5.62 -19.75 5.67
C LEU A 175 7.13 -19.66 5.89
N LEU A 176 7.86 -20.61 5.33
CA LEU A 176 9.31 -20.65 5.48
C LEU A 176 9.92 -19.43 4.89
N ARG A 177 9.31 -18.96 3.81
CA ARG A 177 9.82 -17.81 3.08
C ARG A 177 9.75 -16.54 3.94
N THR A 178 8.81 -16.48 4.90
CA THR A 178 8.59 -15.24 5.69
C THR A 178 8.80 -15.29 7.23
N ARG A 179 8.92 -16.50 7.78
CA ARG A 179 8.88 -16.64 9.23
C ARG A 179 10.06 -15.99 9.95
N ASP A 180 11.24 -15.89 9.34
CA ASP A 180 12.36 -15.28 10.05
C ASP A 180 12.17 -13.79 10.34
N MET A 181 11.74 -13.03 9.34
CA MET A 181 11.51 -11.61 9.57
C MET A 181 10.29 -11.45 10.48
N ALA A 182 9.29 -12.31 10.27
CA ALA A 182 8.16 -12.32 11.18
C ALA A 182 8.59 -12.48 12.64
N ILE A 183 9.37 -13.52 12.94
CA ILE A 183 9.83 -13.79 14.31
C ILE A 183 10.70 -12.63 14.84
N SER A 184 11.53 -12.05 13.97
CA SER A 184 12.26 -10.88 14.35
C SER A 184 11.33 -9.82 14.93
N ARG A 185 10.23 -9.51 14.24
CA ARG A 185 9.27 -8.52 14.77
C ARG A 185 8.48 -9.00 16.03
N TYR A 186 7.92 -10.20 15.93
CA TYR A 186 7.10 -10.72 17.01
C TYR A 186 7.86 -10.69 18.31
N LYS A 187 9.15 -11.05 18.29
CA LYS A 187 9.91 -11.15 19.53
C LYS A 187 9.98 -9.80 20.25
N GLU A 188 10.13 -8.73 19.48
CA GLU A 188 10.10 -7.36 19.98
C GLU A 188 8.75 -7.01 20.60
N PHE A 189 7.67 -7.60 20.09
CA PHE A 189 6.35 -7.15 20.53
C PHE A 189 5.68 -8.04 21.59
N GLY A 190 6.44 -8.95 22.18
CA GLY A 190 5.87 -9.85 23.17
C GLY A 190 4.89 -10.87 22.60
N ILE A 191 5.08 -11.24 21.34
CA ILE A 191 4.27 -12.22 20.63
C ILE A 191 4.97 -13.58 20.56
N PRO A 192 4.28 -14.64 21.00
CA PRO A 192 4.83 -16.01 20.99
C PRO A 192 5.31 -16.46 19.61
N VAL A 193 6.39 -17.24 19.57
CA VAL A 193 6.85 -17.71 18.28
C VAL A 193 7.13 -19.22 18.22
N ASP A 194 6.83 -19.95 19.27
CA ASP A 194 7.15 -21.39 19.26
C ASP A 194 6.36 -22.11 18.16
N TRP A 195 5.14 -21.66 17.88
CA TRP A 195 4.31 -22.31 16.87
C TRP A 195 4.90 -22.13 15.49
N LEU A 196 5.77 -21.13 15.39
CA LEU A 196 6.37 -20.78 14.12
C LEU A 196 7.58 -21.68 13.81
N SER A 197 8.13 -22.35 14.83
CA SER A 197 9.33 -23.16 14.63
C SER A 197 9.10 -24.50 13.93
N ASP A 198 10.17 -25.23 13.66
CA ASP A 198 10.09 -26.54 12.99
C ASP A 198 9.39 -27.60 13.84
N THR A 199 9.44 -27.45 15.16
CA THR A 199 8.77 -28.38 16.06
C THR A 199 7.37 -27.88 16.35
N GLY A 200 7.06 -26.72 15.80
CA GLY A 200 5.73 -26.14 15.84
C GLY A 200 4.76 -26.73 14.82
N VAL A 201 3.79 -25.95 14.40
CA VAL A 201 2.67 -26.53 13.68
C VAL A 201 3.13 -27.03 12.33
N VAL A 202 4.17 -26.42 11.81
CA VAL A 202 4.75 -26.80 10.52
C VAL A 202 5.26 -28.24 10.52
N GLY A 203 5.96 -28.62 11.58
CA GLY A 203 6.43 -29.98 11.72
C GLY A 203 5.32 -31.00 11.77
N LYS A 204 4.26 -30.65 12.51
CA LYS A 204 3.06 -31.48 12.61
C LYS A 204 2.51 -31.66 11.16
N ILE A 205 2.49 -30.56 10.40
CA ILE A 205 1.98 -30.58 9.03
C ILE A 205 2.81 -31.52 8.13
N LYS A 206 4.14 -31.42 8.21
CA LYS A 206 5.02 -32.32 7.48
C LYS A 206 4.80 -33.80 7.81
N LEU A 207 4.57 -34.07 9.10
CA LEU A 207 4.30 -35.44 9.53
C LEU A 207 3.02 -35.95 8.89
N SER A 208 1.97 -35.12 8.87
CA SER A 208 0.74 -35.58 8.24
C SER A 208 0.88 -35.65 6.71
N SER A 209 1.85 -34.94 6.15
CA SER A 209 2.16 -35.08 4.73
C SER A 209 2.60 -36.50 4.45
N VAL A 210 3.44 -37.03 5.35
CA VAL A 210 3.81 -38.43 5.19
C VAL A 210 2.57 -39.34 5.39
N GLN A 211 1.68 -38.97 6.30
CA GLN A 211 0.41 -39.73 6.45
C GLN A 211 -0.30 -39.80 5.09
N LEU A 212 -0.29 -38.67 4.39
CA LEU A 212 -0.88 -38.56 3.06
C LEU A 212 -0.24 -39.42 1.98
N ALA A 213 1.09 -39.42 1.92
CA ALA A 213 1.79 -40.29 0.99
C ALA A 213 1.45 -41.77 1.27
N LYS A 214 1.27 -42.10 2.55
CA LYS A 214 0.81 -43.44 2.90
C LYS A 214 -0.55 -43.73 2.30
N LYS A 215 -1.52 -42.84 2.55
CA LYS A 215 -2.89 -43.09 2.09
C LYS A 215 -2.94 -43.20 0.55
N TYR A 216 -2.08 -42.43 -0.12
CA TYR A 216 -1.93 -42.43 -1.58
C TYR A 216 -1.33 -43.74 -2.10
N MET A 217 -0.17 -44.14 -1.58
CA MET A 217 0.42 -45.41 -1.97
C MET A 217 -0.51 -46.58 -1.69
N LYS A 218 -1.38 -46.39 -0.70
CA LYS A 218 -2.32 -47.43 -0.32
C LYS A 218 -3.40 -47.49 -1.39
N ARG A 219 -3.93 -46.33 -1.78
CA ARG A 219 -4.95 -46.28 -2.85
C ARG A 219 -4.40 -46.84 -4.16
N VAL A 220 -3.14 -46.57 -4.43
CA VAL A 220 -2.54 -47.04 -5.66
C VAL A 220 -2.39 -48.56 -5.60
N ALA A 221 -1.76 -49.08 -4.55
CA ALA A 221 -1.56 -50.53 -4.42
C ALA A 221 -2.89 -51.27 -4.38
N TYR A 222 -3.94 -50.59 -3.92
CA TYR A 222 -5.28 -51.18 -3.92
C TYR A 222 -5.87 -51.25 -5.33
N GLU A 223 -6.02 -50.11 -5.98
CA GLU A 223 -6.56 -50.07 -7.33
C GLU A 223 -5.80 -50.99 -8.29
N LEU A 224 -4.52 -51.15 -8.00
CA LEU A 224 -3.62 -52.06 -8.70
C LEU A 224 -3.99 -53.54 -8.57
N ASP A 225 -5.04 -53.86 -7.82
CA ASP A 225 -5.45 -55.26 -7.66
C ASP A 225 -6.90 -55.38 -8.07
N SER A 226 -7.64 -54.30 -7.79
CA SER A 226 -9.09 -54.23 -7.95
C SER A 226 -9.64 -54.34 -9.38
N VAL A 227 -8.78 -54.60 -10.37
CA VAL A 227 -9.25 -54.67 -11.75
C VAL A 227 -8.55 -55.76 -12.55
N SER A 228 -9.33 -56.57 -13.26
CA SER A 228 -8.80 -57.47 -14.29
C SER A 228 -7.83 -58.54 -13.71
N GLY A 229 -7.32 -59.48 -14.51
CA GLY A 229 -7.63 -59.67 -15.92
C GLY A 229 -6.41 -60.05 -16.73
N SER A 230 -6.00 -59.12 -17.60
CA SER A 230 -4.75 -59.21 -18.36
C SER A 230 -3.50 -58.82 -17.56
N ASP A 231 -3.64 -57.83 -16.68
CA ASP A 231 -2.56 -57.27 -15.85
C ASP A 231 -1.44 -56.62 -16.69
N LYS A 232 -1.18 -55.33 -16.43
CA LYS A 232 -0.31 -54.45 -17.26
C LYS A 232 -0.36 -54.82 -18.75
N ASP A 233 -1.29 -54.28 -19.56
CA ASP A 233 -2.21 -53.13 -19.34
C ASP A 233 -1.46 -51.80 -19.19
N PRO A 234 -2.05 -50.73 -19.75
CA PRO A 234 -1.36 -49.43 -19.76
C PRO A 234 -1.60 -48.55 -18.54
N ASN A 235 -2.66 -48.78 -17.78
CA ASN A 235 -2.88 -47.96 -16.60
C ASN A 235 -2.21 -48.58 -15.39
N ARG A 236 -1.78 -49.83 -15.51
CA ARG A 236 -1.12 -50.55 -14.40
C ARG A 236 0.39 -50.27 -14.28
N GLU A 237 0.89 -49.38 -15.14
CA GLU A 237 2.27 -48.92 -15.08
C GLU A 237 2.27 -47.43 -14.82
N PHE A 238 1.24 -46.80 -15.36
CA PHE A 238 1.04 -45.38 -15.19
C PHE A 238 0.68 -45.11 -13.74
N LEU A 239 -0.21 -45.94 -13.20
CA LEU A 239 -0.66 -45.77 -11.84
C LEU A 239 0.51 -45.96 -10.87
N LEU A 240 1.26 -47.03 -11.11
CA LEU A 240 2.41 -47.34 -10.28
C LEU A 240 3.35 -46.13 -10.27
N LEU A 241 3.53 -45.51 -11.44
CA LEU A 241 4.37 -44.31 -11.47
C LEU A 241 3.79 -43.14 -10.67
N GLN A 242 2.48 -42.87 -10.78
CA GLN A 242 1.92 -41.75 -10.04
C GLN A 242 2.15 -41.93 -8.56
N GLY A 243 2.04 -43.18 -8.10
CA GLY A 243 2.31 -43.50 -6.71
C GLY A 243 3.77 -43.27 -6.33
N VAL A 244 4.69 -43.90 -7.05
CA VAL A 244 6.10 -43.71 -6.76
C VAL A 244 6.48 -42.24 -6.71
N ARG A 245 6.00 -41.47 -7.68
CA ARG A 245 6.41 -40.09 -7.81
C ARG A 245 5.79 -39.22 -6.73
N PHE A 246 4.53 -39.48 -6.39
CA PHE A 246 3.89 -38.78 -5.26
C PHE A 246 4.69 -39.04 -4.00
N ALA A 247 5.09 -40.29 -3.82
CA ALA A 247 5.86 -40.67 -2.66
C ALA A 247 7.17 -39.89 -2.59
N PHE A 248 7.92 -39.88 -3.68
CA PHE A 248 9.18 -39.16 -3.69
C PHE A 248 8.99 -37.67 -3.39
N ARG A 249 7.97 -37.07 -4.01
CA ARG A 249 7.69 -35.65 -3.88
C ARG A 249 7.49 -35.33 -2.36
N VAL A 250 6.68 -36.16 -1.70
CA VAL A 250 6.43 -35.99 -0.27
C VAL A 250 7.66 -36.28 0.60
N HIS A 251 8.40 -37.33 0.29
CA HIS A 251 9.62 -37.66 1.03
C HIS A 251 10.58 -36.47 1.02
N GLN A 252 10.67 -35.80 -0.11
CA GLN A 252 11.55 -34.64 -0.19
C GLN A 252 10.97 -33.46 0.58
N PHE A 253 9.65 -33.36 0.60
CA PHE A 253 9.04 -32.22 1.22
C PHE A 253 9.21 -32.33 2.72
N ALA A 254 8.87 -33.50 3.25
CA ALA A 254 8.79 -33.71 4.68
C ALA A 254 10.16 -33.80 5.32
N GLY A 255 11.13 -34.27 4.56
CA GLY A 255 12.47 -34.41 5.09
C GLY A 255 12.82 -35.87 5.30
N GLY A 256 11.84 -36.75 5.15
CA GLY A 256 12.12 -38.17 5.20
C GLY A 256 10.88 -39.03 5.31
N PHE A 257 11.09 -40.35 5.46
CA PHE A 257 10.00 -41.31 5.62
C PHE A 257 10.14 -42.10 6.92
N ASP A 258 9.02 -42.56 7.45
CA ASP A 258 9.08 -43.45 8.60
C ASP A 258 9.23 -44.91 8.12
N ALA A 259 8.92 -45.84 9.02
CA ALA A 259 9.01 -47.26 8.74
C ALA A 259 7.88 -47.71 7.81
N GLU A 260 6.65 -47.43 8.21
CA GLU A 260 5.50 -47.99 7.53
C GLU A 260 5.43 -47.47 6.09
N SER A 261 5.82 -46.22 5.86
CA SER A 261 5.73 -45.69 4.49
C SER A 261 6.92 -46.07 3.61
N MET A 262 8.13 -46.11 4.18
CA MET A 262 9.28 -46.57 3.42
C MET A 262 9.00 -47.99 2.99
N LYS A 263 8.27 -48.70 3.86
CA LYS A 263 7.84 -50.06 3.57
C LYS A 263 6.78 -50.10 2.46
N ALA A 264 5.78 -49.21 2.48
CA ALA A 264 4.77 -49.18 1.41
C ALA A 264 5.39 -48.86 0.06
N PHE A 265 6.47 -48.10 0.11
CA PHE A 265 7.19 -47.70 -1.10
C PHE A 265 7.91 -48.91 -1.62
N GLU A 266 8.48 -49.69 -0.70
CA GLU A 266 9.07 -50.98 -1.04
C GLU A 266 8.01 -51.91 -1.65
N GLU A 267 6.79 -51.87 -1.12
CA GLU A 267 5.67 -52.61 -1.69
C GLU A 267 5.33 -52.12 -3.09
N LEU A 268 5.80 -50.92 -3.44
CA LEU A 268 5.55 -50.43 -4.79
C LEU A 268 6.69 -50.83 -5.73
N ARG A 269 7.92 -50.87 -5.21
CA ARG A 269 9.05 -51.20 -6.06
C ARG A 269 8.88 -52.59 -6.68
N SER A 270 8.19 -53.45 -5.97
CA SER A 270 8.03 -54.83 -6.40
C SER A 270 6.67 -55.07 -7.04
N ARG A 271 6.44 -54.37 -8.15
CA ARG A 271 5.26 -54.57 -9.00
C ARG A 271 5.65 -54.32 -10.46
N HIS B 9 8.30 -50.90 -21.02
CA HIS B 9 9.70 -50.49 -21.06
C HIS B 9 10.42 -50.76 -19.73
N ARG B 10 10.92 -49.69 -19.11
CA ARG B 10 11.81 -49.79 -17.95
C ARG B 10 11.33 -48.97 -16.73
N ALA B 11 10.19 -49.35 -16.15
CA ALA B 11 9.70 -48.75 -14.90
C ALA B 11 10.47 -49.16 -13.62
N PRO B 12 10.93 -50.43 -13.52
CA PRO B 12 11.76 -50.75 -12.37
C PRO B 12 12.96 -49.83 -12.20
N GLU B 13 13.72 -49.57 -13.26
CA GLU B 13 14.92 -48.73 -13.15
C GLU B 13 14.59 -47.41 -12.50
N LEU B 14 13.42 -46.91 -12.85
CA LEU B 14 12.88 -45.65 -12.37
C LEU B 14 12.66 -45.72 -10.87
N VAL B 15 11.93 -46.75 -10.46
CA VAL B 15 11.67 -46.90 -9.03
C VAL B 15 12.96 -47.09 -8.20
N GLU B 16 13.88 -47.92 -8.70
CA GLU B 16 15.18 -48.07 -8.05
C GLU B 16 15.93 -46.75 -7.98
N PHE B 17 15.80 -45.94 -9.02
CA PHE B 17 16.45 -44.63 -9.06
C PHE B 17 15.98 -43.81 -7.87
N TYR B 18 14.65 -43.73 -7.75
CA TYR B 18 14.05 -42.96 -6.67
C TYR B 18 14.54 -43.51 -5.31
N GLN B 19 14.46 -44.83 -5.12
CA GLN B 19 14.98 -45.45 -3.90
C GLN B 19 16.39 -45.00 -3.56
N SER B 20 17.33 -45.22 -4.47
CA SER B 20 18.71 -44.80 -4.25
C SER B 20 18.89 -43.28 -4.05
N LEU B 21 17.84 -42.49 -4.25
CA LEU B 21 17.96 -41.05 -3.93
C LEU B 21 17.47 -40.78 -2.50
N MET B 22 16.51 -41.60 -2.07
CA MET B 22 15.94 -41.57 -0.73
C MET B 22 16.92 -42.13 0.31
N LYS B 23 18.18 -41.78 0.18
CA LYS B 23 19.25 -42.21 1.09
C LYS B 23 20.06 -41.01 1.55
N ARG B 24 20.66 -40.35 0.56
CA ARG B 24 21.50 -39.17 0.74
C ARG B 24 20.75 -38.01 1.39
N ILE B 53 19.87 -17.16 0.53
CA ILE B 53 19.44 -17.19 -0.88
C ILE B 53 20.42 -16.56 -1.93
N GLU B 54 21.31 -15.60 -1.60
CA GLU B 54 21.53 -14.95 -0.30
C GLU B 54 21.23 -13.46 -0.26
N ASN B 55 20.32 -12.97 -1.11
CA ASN B 55 20.01 -11.54 -1.05
C ASN B 55 19.05 -11.21 0.08
N ARG B 56 18.24 -12.17 0.49
CA ARG B 56 17.19 -11.91 1.46
C ARG B 56 17.67 -12.14 2.91
N SER B 57 18.48 -13.17 3.11
CA SER B 57 19.06 -13.50 4.42
C SER B 57 20.04 -12.41 4.88
N THR B 58 20.83 -11.93 3.92
CA THR B 58 21.71 -10.78 4.13
C THR B 58 20.92 -9.58 4.64
N PHE B 59 19.90 -9.18 3.89
CA PHE B 59 18.96 -8.13 4.30
C PHE B 59 18.43 -8.38 5.73
N LEU B 60 18.02 -9.61 6.02
CA LEU B 60 17.47 -9.90 7.34
C LEU B 60 18.49 -9.63 8.43
N LEU B 61 19.72 -10.08 8.24
CA LEU B 61 20.76 -9.82 9.24
C LEU B 61 21.05 -8.33 9.38
N ALA B 62 21.02 -7.60 8.27
CA ALA B 62 21.30 -6.18 8.30
C ALA B 62 20.26 -5.45 9.15
N VAL B 63 19.01 -5.87 8.97
CA VAL B 63 17.89 -5.30 9.69
C VAL B 63 18.01 -5.65 11.15
N LYS B 64 18.23 -6.94 11.45
CA LYS B 64 18.48 -7.40 12.83
C LYS B 64 19.56 -6.58 13.52
N ALA B 65 20.64 -6.31 12.78
CA ALA B 65 21.74 -5.45 13.20
C ALA B 65 21.27 -4.07 13.62
N ASP B 66 20.49 -3.41 12.75
CA ASP B 66 19.93 -2.09 13.11
C ASP B 66 19.04 -2.18 14.34
N VAL B 67 18.16 -3.17 14.39
CA VAL B 67 17.20 -3.32 15.47
C VAL B 67 17.92 -3.50 16.83
N GLU B 68 19.03 -4.22 16.81
CA GLU B 68 19.78 -4.44 18.03
C GLU B 68 20.57 -3.19 18.41
N THR B 69 21.32 -2.64 17.46
CA THR B 69 22.26 -1.58 17.76
C THR B 69 21.74 -0.16 17.54
N GLN B 70 20.46 0.00 17.23
CA GLN B 70 19.91 1.33 16.99
C GLN B 70 18.55 1.44 17.68
N GLY B 71 18.24 0.50 18.57
CA GLY B 71 17.01 0.54 19.34
C GLY B 71 16.83 1.84 20.10
N ASP B 72 17.88 2.27 20.78
CA ASP B 72 17.79 3.49 21.58
C ASP B 72 17.69 4.73 20.67
N PHE B 73 18.45 4.71 19.58
CA PHE B 73 18.42 5.77 18.59
C PHE B 73 17.00 5.97 18.04
N VAL B 74 16.35 4.86 17.72
CA VAL B 74 15.00 4.91 17.15
C VAL B 74 13.96 5.32 18.20
N GLN B 75 14.03 4.73 19.39
CA GLN B 75 13.09 5.11 20.44
C GLN B 75 13.22 6.59 20.74
N SER B 76 14.43 7.09 20.59
CA SER B 76 14.69 8.51 20.73
C SER B 76 14.00 9.34 19.63
N LEU B 77 14.20 8.97 18.36
CA LEU B 77 13.51 9.65 17.27
C LEU B 77 12.00 9.67 17.50
N ALA B 78 11.46 8.53 17.95
CA ALA B 78 10.03 8.39 18.20
C ALA B 78 9.56 9.35 19.29
N THR B 79 10.31 9.41 20.38
CA THR B 79 10.01 10.35 21.43
C THR B 79 9.97 11.78 20.86
N GLU B 80 10.93 12.08 20.00
CA GLU B 80 11.04 13.46 19.52
C GLU B 80 9.89 13.84 18.60
N VAL B 81 9.46 12.88 17.79
CA VAL B 81 8.32 13.04 16.90
C VAL B 81 7.04 13.23 17.71
N ARG B 82 6.82 12.35 18.68
CA ARG B 82 5.64 12.45 19.52
C ARG B 82 5.55 13.77 20.27
N ALA B 83 6.71 14.29 20.70
CA ALA B 83 6.76 15.48 21.53
C ALA B 83 6.51 16.77 20.75
N SER B 84 6.75 16.72 19.44
CA SER B 84 6.79 17.92 18.61
C SER B 84 5.47 18.67 18.46
N SER B 85 5.62 19.98 18.34
CA SER B 85 4.53 20.92 18.08
C SER B 85 5.15 22.05 17.29
N PHE B 86 4.39 22.58 16.34
CA PHE B 86 4.90 23.63 15.49
C PHE B 86 3.86 24.70 15.36
N THR B 87 4.33 25.92 15.22
CA THR B 87 3.42 27.02 15.14
C THR B 87 3.69 27.69 13.81
N ASP B 88 4.94 27.66 13.39
CA ASP B 88 5.34 28.09 12.06
C ASP B 88 5.55 26.85 11.20
N ILE B 89 5.03 26.85 9.99
CA ILE B 89 5.16 25.65 9.19
C ILE B 89 6.63 25.48 8.71
N GLU B 90 7.38 26.59 8.76
CA GLU B 90 8.77 26.63 8.32
C GLU B 90 9.65 25.82 9.30
N ASP B 91 9.25 25.92 10.58
CA ASP B 91 9.83 25.15 11.66
C ASP B 91 9.61 23.68 11.39
N LEU B 92 8.37 23.33 11.03
CA LEU B 92 8.02 21.94 10.67
C LEU B 92 8.89 21.42 9.53
N LEU B 93 9.00 22.19 8.44
CA LEU B 93 9.93 21.82 7.37
C LEU B 93 11.31 21.45 7.90
N ALA B 94 11.87 22.33 8.74
CA ALA B 94 13.18 22.05 9.35
C ALA B 94 13.20 20.73 10.10
N PHE B 95 12.16 20.50 10.91
CA PHE B 95 12.06 19.26 11.66
C PHE B 95 12.04 18.02 10.76
N VAL B 96 11.17 18.01 9.75
CA VAL B 96 11.04 16.84 8.89
C VAL B 96 12.35 16.61 8.12
N SER B 97 13.00 17.71 7.73
CA SER B 97 14.32 17.63 7.08
C SER B 97 15.32 16.82 7.93
N TRP B 98 15.39 17.23 9.20
CA TRP B 98 16.18 16.53 10.22
C TRP B 98 15.78 15.06 10.34
N LEU B 99 14.48 14.81 10.42
CA LEU B 99 13.98 13.47 10.69
C LEU B 99 14.37 12.55 9.53
N ASP B 100 14.31 13.07 8.31
CA ASP B 100 14.66 12.26 7.15
C ASP B 100 16.15 11.93 7.19
N GLU B 101 16.96 12.96 7.45
CA GLU B 101 18.41 12.76 7.57
C GLU B 101 18.70 11.68 8.65
N GLU B 102 18.03 11.74 9.79
CA GLU B 102 18.27 10.76 10.86
C GLU B 102 17.81 9.35 10.48
N LEU B 103 16.66 9.21 9.84
CA LEU B 103 16.14 7.89 9.50
C LEU B 103 16.96 7.25 8.40
N SER B 104 17.71 8.06 7.67
CA SER B 104 18.45 7.50 6.53
C SER B 104 19.60 6.61 6.97
N PHE B 105 19.90 6.60 8.27
CA PHE B 105 20.96 5.74 8.79
C PHE B 105 20.49 4.30 8.89
N LEU B 106 19.20 4.10 8.64
CA LEU B 106 18.60 2.77 8.73
C LEU B 106 18.67 2.06 7.36
N VAL B 107 19.04 0.77 7.39
CA VAL B 107 19.28 0.00 6.16
C VAL B 107 18.01 -0.06 5.30
N ASP B 108 16.87 -0.24 5.97
CA ASP B 108 15.57 -0.14 5.35
C ASP B 108 14.67 0.43 6.41
N GLU B 109 14.10 1.59 6.14
CA GLU B 109 13.35 2.31 7.18
C GLU B 109 12.10 1.54 7.60
N ARG B 110 11.32 1.09 6.62
CA ARG B 110 10.07 0.40 6.90
C ARG B 110 10.31 -0.90 7.71
N ALA B 111 11.32 -1.64 7.28
CA ALA B 111 11.63 -2.94 7.83
C ALA B 111 12.04 -2.83 9.28
N VAL B 112 12.86 -1.84 9.58
CA VAL B 112 13.36 -1.62 10.92
C VAL B 112 12.25 -1.10 11.81
N LEU B 113 11.56 -0.04 11.37
CA LEU B 113 10.51 0.58 12.17
C LEU B 113 9.34 -0.36 12.49
N LYS B 114 9.14 -1.39 11.68
CA LYS B 114 8.07 -2.33 11.97
C LYS B 114 8.35 -3.18 13.19
N HIS B 115 9.55 -3.00 13.78
CA HIS B 115 9.98 -3.64 15.03
C HIS B 115 9.74 -2.76 16.27
N PHE B 116 9.23 -1.56 16.07
CA PHE B 116 9.16 -0.56 17.13
C PHE B 116 7.79 0.03 17.30
N ASP B 117 7.56 0.59 18.49
CA ASP B 117 6.39 1.40 18.76
C ASP B 117 6.66 2.79 18.24
N TRP B 118 6.79 2.85 16.92
CA TRP B 118 6.97 4.06 16.15
C TRP B 118 5.62 4.75 15.95
N PRO B 119 5.59 6.10 16.08
CA PRO B 119 4.38 6.88 15.84
C PRO B 119 4.18 7.12 14.36
N GLU B 120 3.79 6.06 13.64
CA GLU B 120 3.58 6.04 12.19
C GLU B 120 2.57 7.11 11.71
N GLY B 121 1.42 7.18 12.37
CA GLY B 121 0.42 8.15 11.99
C GLY B 121 0.92 9.59 11.92
N LYS B 122 1.55 10.02 13.01
CA LYS B 122 2.05 11.39 13.10
C LYS B 122 3.27 11.62 12.22
N ALA B 123 4.12 10.61 12.07
CA ALA B 123 5.30 10.78 11.26
C ALA B 123 4.88 11.01 9.79
N ASP B 124 3.93 10.18 9.33
CA ASP B 124 3.33 10.37 8.02
C ASP B 124 2.68 11.75 7.86
N ALA B 125 1.85 12.12 8.83
CA ALA B 125 1.24 13.47 8.82
C ALA B 125 2.26 14.56 8.58
N LEU B 126 3.34 14.53 9.36
CA LEU B 126 4.42 15.50 9.25
C LEU B 126 5.07 15.52 7.89
N ARG B 127 5.47 14.35 7.36
CA ARG B 127 6.19 14.32 6.09
C ARG B 127 5.29 14.85 4.96
N GLU B 128 4.00 14.55 5.01
CA GLU B 128 3.11 14.95 3.93
C GLU B 128 2.82 16.43 4.03
N ALA B 129 2.69 16.94 5.26
CA ALA B 129 2.52 18.38 5.45
C ALA B 129 3.74 19.14 4.87
N ALA B 130 4.94 18.66 5.19
CA ALA B 130 6.14 19.26 4.63
C ALA B 130 6.15 19.21 3.08
N PHE B 131 5.83 18.05 2.50
CA PHE B 131 5.86 17.92 1.04
C PHE B 131 4.83 18.83 0.34
N GLU B 132 3.59 18.80 0.82
CA GLU B 132 2.55 19.64 0.23
C GLU B 132 2.94 21.10 0.32
N TYR B 133 3.36 21.57 1.50
CA TYR B 133 3.70 22.98 1.61
C TYR B 133 4.82 23.33 0.63
N GLN B 134 5.91 22.56 0.60
CA GLN B 134 7.00 22.89 -0.33
C GLN B 134 6.59 22.87 -1.80
N ASP B 135 5.69 21.96 -2.14
CA ASP B 135 5.17 21.87 -3.50
C ASP B 135 4.34 23.09 -3.86
N LEU B 136 3.41 23.45 -2.99
CA LEU B 136 2.61 24.66 -3.13
C LEU B 136 3.46 25.93 -3.24
N MET B 137 4.50 26.03 -2.42
CA MET B 137 5.36 27.19 -2.50
C MET B 137 6.11 27.20 -3.82
N LYS B 138 6.60 26.04 -4.27
CA LYS B 138 7.26 25.97 -5.57
C LYS B 138 6.34 26.53 -6.63
N LEU B 139 5.08 26.09 -6.58
CA LEU B 139 4.10 26.51 -7.57
C LEU B 139 3.82 28.02 -7.53
N GLU B 140 3.61 28.54 -6.31
CA GLU B 140 3.28 29.95 -6.13
C GLU B 140 4.44 30.81 -6.63
N LYS B 141 5.68 30.40 -6.32
CA LYS B 141 6.85 31.14 -6.79
C LYS B 141 6.95 31.07 -8.31
N GLN B 142 6.53 29.95 -8.88
CA GLN B 142 6.62 29.80 -10.32
C GLN B 142 5.61 30.67 -11.05
N VAL B 143 4.38 30.72 -10.54
CA VAL B 143 3.35 31.52 -11.22
C VAL B 143 3.58 33.01 -10.96
N THR B 144 3.95 33.37 -9.73
CA THR B 144 4.17 34.77 -9.39
C THR B 144 5.38 35.34 -10.12
N SER B 145 6.49 34.61 -10.09
CA SER B 145 7.73 35.08 -10.69
C SER B 145 7.86 34.62 -12.13
N PHE B 146 6.71 34.51 -12.80
CA PHE B 146 6.68 34.13 -14.20
C PHE B 146 6.83 35.37 -15.09
N VAL B 147 7.67 35.28 -16.11
CA VAL B 147 7.84 36.39 -17.08
C VAL B 147 7.42 36.02 -18.49
N ASP B 148 6.55 36.85 -19.05
CA ASP B 148 6.18 36.79 -20.46
C ASP B 148 7.36 37.20 -21.32
N ASP B 149 8.14 36.23 -21.79
CA ASP B 149 9.32 36.49 -22.63
C ASP B 149 8.99 37.18 -23.96
N PRO B 150 9.30 38.49 -24.09
CA PRO B 150 8.93 39.21 -25.33
C PRO B 150 9.70 38.69 -26.55
N ASN B 151 10.77 37.93 -26.31
CA ASN B 151 11.57 37.30 -27.36
C ASN B 151 10.96 36.02 -27.94
N LEU B 152 9.72 35.74 -27.56
CA LEU B 152 9.01 34.55 -28.05
C LEU B 152 7.78 34.94 -28.85
N SER B 153 7.58 34.29 -30.00
CA SER B 153 6.42 34.58 -30.84
C SER B 153 5.12 34.31 -30.08
N CYS B 154 4.02 34.79 -30.65
CA CYS B 154 2.70 34.75 -30.02
C CYS B 154 2.31 33.39 -29.42
N GLU B 155 2.15 32.41 -30.30
CA GLU B 155 1.63 31.11 -29.91
C GLU B 155 2.47 30.42 -28.82
N PRO B 156 3.81 30.41 -28.95
CA PRO B 156 4.55 29.74 -27.88
C PRO B 156 4.43 30.39 -26.50
N ALA B 157 4.33 31.72 -26.45
CA ALA B 157 4.20 32.43 -25.18
C ALA B 157 2.84 32.13 -24.57
N LEU B 158 1.81 32.22 -25.41
CA LEU B 158 0.45 31.89 -24.97
C LEU B 158 0.34 30.43 -24.49
N LYS B 159 1.00 29.51 -25.18
CA LYS B 159 1.01 28.12 -24.76
C LYS B 159 1.70 27.98 -23.39
N LYS B 160 2.79 28.71 -23.20
CA LYS B 160 3.49 28.70 -21.91
C LYS B 160 2.52 29.07 -20.78
N MET B 161 1.88 30.22 -20.94
CA MET B 161 0.96 30.71 -19.92
C MET B 161 -0.25 29.78 -19.72
N TYR B 162 -0.81 29.26 -20.81
CA TYR B 162 -1.95 28.33 -20.73
C TYR B 162 -1.55 27.07 -19.94
N LYS B 163 -0.40 26.51 -20.25
CA LYS B 163 0.04 25.28 -19.59
C LYS B 163 0.34 25.51 -18.11
N LEU B 164 0.89 26.69 -17.76
CA LEU B 164 1.12 27.01 -16.35
C LEU B 164 -0.22 27.12 -15.61
N LEU B 165 -1.19 27.81 -16.20
CA LEU B 165 -2.54 27.88 -15.63
C LEU B 165 -3.13 26.48 -15.42
N GLU B 166 -2.96 25.59 -16.38
CA GLU B 166 -3.41 24.22 -16.22
C GLU B 166 -2.74 23.57 -15.01
N LYS B 167 -1.42 23.70 -14.91
CA LYS B 167 -0.68 23.16 -13.77
C LYS B 167 -1.31 23.64 -12.46
N VAL B 168 -1.49 24.96 -12.39
CA VAL B 168 -2.05 25.65 -11.23
C VAL B 168 -3.42 25.14 -10.85
N GLU B 169 -4.31 25.08 -11.85
CA GLU B 169 -5.67 24.61 -11.66
C GLU B 169 -5.68 23.18 -11.10
N GLN B 170 -4.86 22.29 -11.66
CA GLN B 170 -4.82 20.90 -11.18
C GLN B 170 -4.41 20.87 -9.71
N SER B 171 -3.34 21.60 -9.39
CA SER B 171 -2.83 21.54 -8.03
C SER B 171 -3.86 22.05 -7.02
N VAL B 172 -4.42 23.23 -7.29
CA VAL B 172 -5.36 23.82 -6.36
C VAL B 172 -6.62 22.98 -6.22
N TYR B 173 -7.13 22.45 -7.33
CA TYR B 173 -8.36 21.64 -7.25
C TYR B 173 -8.13 20.38 -6.42
N ALA B 174 -6.97 19.74 -6.60
CA ALA B 174 -6.58 18.59 -5.78
C ALA B 174 -6.45 18.95 -4.28
N LEU B 175 -5.77 20.06 -4.02
CA LEU B 175 -5.61 20.53 -2.68
C LEU B 175 -6.97 20.71 -1.99
N LEU B 176 -7.88 21.41 -2.65
CA LEU B 176 -9.21 21.68 -2.08
C LEU B 176 -9.90 20.35 -1.82
N ARG B 177 -9.66 19.39 -2.72
CA ARG B 177 -10.27 18.06 -2.67
C ARG B 177 -9.85 17.27 -1.45
N THR B 178 -8.65 17.53 -0.92
CA THR B 178 -8.10 16.73 0.18
C THR B 178 -7.79 17.45 1.51
N ARG B 179 -7.86 18.77 1.47
CA ARG B 179 -7.39 19.58 2.58
C ARG B 179 -8.24 19.42 3.84
N ASP B 180 -9.54 19.17 3.73
CA ASP B 180 -10.38 19.12 4.91
C ASP B 180 -10.02 17.97 5.84
N MET B 181 -9.88 16.78 5.26
CA MET B 181 -9.49 15.61 6.04
C MET B 181 -8.03 15.73 6.50
N ALA B 182 -7.18 16.30 5.63
CA ALA B 182 -5.81 16.61 6.06
C ALA B 182 -5.80 17.45 7.33
N ILE B 183 -6.50 18.57 7.30
CA ILE B 183 -6.56 19.51 8.42
C ILE B 183 -7.12 18.82 9.66
N SER B 184 -8.11 17.97 9.46
CA SER B 184 -8.63 17.20 10.57
C SER B 184 -7.52 16.45 11.29
N ARG B 185 -6.67 15.73 10.55
CA ARG B 185 -5.58 15.03 11.21
C ARG B 185 -4.52 15.98 11.80
N TYR B 186 -4.09 16.93 10.98
CA TYR B 186 -3.05 17.86 11.35
C TYR B 186 -3.35 18.54 12.66
N LYS B 187 -4.60 18.94 12.84
CA LYS B 187 -4.97 19.65 14.05
C LYS B 187 -4.73 18.76 15.26
N GLU B 188 -5.03 17.47 15.13
CA GLU B 188 -4.77 16.52 16.20
C GLU B 188 -3.29 16.38 16.51
N PHE B 189 -2.44 16.59 15.51
CA PHE B 189 -1.03 16.31 15.75
C PHE B 189 -0.17 17.56 15.99
N GLY B 190 -0.81 18.70 16.25
CA GLY B 190 -0.05 19.92 16.50
C GLY B 190 0.66 20.46 15.26
N ILE B 191 0.07 20.20 14.09
CA ILE B 191 0.61 20.65 12.81
C ILE B 191 -0.18 21.86 12.31
N PRO B 192 0.54 22.94 11.93
CA PRO B 192 -0.09 24.16 11.42
C PRO B 192 -1.00 23.89 10.22
N VAL B 193 -2.09 24.64 10.10
CA VAL B 193 -3.03 24.44 9.00
C VAL B 193 -3.43 25.74 8.28
N ASP B 194 -2.81 26.86 8.64
CA ASP B 194 -3.17 28.16 8.06
C ASP B 194 -2.85 28.23 6.58
N TRP B 195 -1.74 27.66 6.21
CA TRP B 195 -1.31 27.68 4.84
C TRP B 195 -2.30 26.90 3.98
N LEU B 196 -3.07 26.04 4.63
CA LEU B 196 -4.04 25.26 3.90
C LEU B 196 -5.33 26.03 3.66
N SER B 197 -5.58 27.09 4.44
CA SER B 197 -6.84 27.82 4.34
C SER B 197 -6.91 28.72 3.09
N ASP B 198 -8.07 29.35 2.90
CA ASP B 198 -8.28 30.22 1.74
C ASP B 198 -7.41 31.47 1.75
N THR B 199 -6.99 31.89 2.95
CA THR B 199 -6.08 33.03 3.11
C THR B 199 -4.62 32.57 3.21
N GLY B 200 -4.43 31.25 3.11
CA GLY B 200 -3.12 30.65 3.07
C GLY B 200 -2.49 30.77 1.70
N VAL B 201 -1.66 29.79 1.33
CA VAL B 201 -0.87 29.90 0.10
C VAL B 201 -1.79 29.85 -1.11
N VAL B 202 -2.95 29.22 -0.94
CA VAL B 202 -3.96 29.12 -2.00
C VAL B 202 -4.39 30.47 -2.52
N GLY B 203 -4.64 31.41 -1.59
CA GLY B 203 -5.00 32.76 -1.96
C GLY B 203 -3.93 33.46 -2.78
N LYS B 204 -2.66 33.28 -2.38
CA LYS B 204 -1.53 33.84 -3.11
C LYS B 204 -1.55 33.30 -4.53
N ILE B 205 -1.78 32.00 -4.63
CA ILE B 205 -1.76 31.37 -5.94
C ILE B 205 -2.89 31.92 -6.82
N LYS B 206 -4.09 32.05 -6.26
CA LYS B 206 -5.19 32.63 -7.00
C LYS B 206 -4.90 34.06 -7.50
N LEU B 207 -4.28 34.86 -6.62
CA LEU B 207 -3.93 36.22 -6.97
C LEU B 207 -2.90 36.27 -8.10
N SER B 208 -1.88 35.43 -8.02
CA SER B 208 -0.89 35.41 -9.09
C SER B 208 -1.47 34.81 -10.37
N SER B 209 -2.55 34.03 -10.23
CA SER B 209 -3.30 33.55 -11.38
C SER B 209 -3.94 34.71 -12.11
N VAL B 210 -4.49 35.66 -11.35
CA VAL B 210 -4.99 36.88 -11.97
C VAL B 210 -3.86 37.69 -12.63
N GLN B 211 -2.69 37.74 -11.99
CA GLN B 211 -1.54 38.37 -12.64
C GLN B 211 -1.19 37.71 -13.98
N LEU B 212 -1.31 36.38 -14.01
CA LEU B 212 -1.09 35.60 -15.25
C LEU B 212 -2.13 36.02 -16.29
N ALA B 213 -3.38 36.25 -15.84
CA ALA B 213 -4.43 36.75 -16.74
C ALA B 213 -4.12 38.13 -17.34
N LYS B 214 -3.54 39.02 -16.54
CA LYS B 214 -3.04 40.31 -17.03
C LYS B 214 -2.00 40.10 -18.11
N LYS B 215 -1.00 39.26 -17.83
CA LYS B 215 0.07 39.02 -18.78
C LYS B 215 -0.42 38.39 -20.10
N TYR B 216 -1.43 37.52 -20.02
CA TYR B 216 -2.03 36.89 -21.21
C TYR B 216 -2.76 37.94 -22.05
N MET B 217 -3.64 38.68 -21.39
CA MET B 217 -4.32 39.80 -22.04
C MET B 217 -3.30 40.86 -22.58
N LYS B 218 -2.08 40.90 -22.01
CA LYS B 218 -1.02 41.81 -22.46
C LYS B 218 -0.46 41.31 -23.77
N ARG B 219 -0.11 40.03 -23.77
CA ARG B 219 0.45 39.42 -24.96
C ARG B 219 -0.55 39.51 -26.10
N VAL B 220 -1.83 39.33 -25.80
CA VAL B 220 -2.87 39.40 -26.83
C VAL B 220 -3.06 40.84 -27.30
N ALA B 221 -3.27 41.78 -26.39
CA ALA B 221 -3.47 43.18 -26.80
C ALA B 221 -2.25 43.76 -27.57
N TYR B 222 -1.05 43.24 -27.27
CA TYR B 222 0.18 43.61 -27.96
C TYR B 222 0.22 43.01 -29.36
N GLU B 223 0.18 41.68 -29.44
CA GLU B 223 0.19 40.95 -30.70
C GLU B 223 -0.94 41.37 -31.64
N LEU B 224 -2.07 41.80 -31.07
CA LEU B 224 -3.19 42.37 -31.83
C LEU B 224 -2.83 43.71 -32.49
N ASP B 225 -1.62 44.18 -32.25
CA ASP B 225 -1.17 45.45 -32.81
C ASP B 225 0.07 45.23 -33.67
N SER B 226 0.91 44.29 -33.24
CA SER B 226 2.19 44.02 -33.88
C SER B 226 2.01 43.48 -35.32
N VAL B 227 2.25 42.18 -35.48
CA VAL B 227 2.16 41.46 -36.77
C VAL B 227 1.15 42.06 -37.78
N SER B 228 1.56 42.30 -39.04
CA SER B 228 2.84 41.85 -39.59
C SER B 228 3.83 42.92 -40.15
N GLY B 229 3.42 43.90 -40.96
CA GLY B 229 2.08 44.21 -41.46
C GLY B 229 2.05 45.73 -41.57
N SER B 230 1.25 46.33 -42.48
CA SER B 230 0.20 45.71 -43.28
C SER B 230 0.73 44.89 -44.46
N ASP B 231 -0.10 44.02 -45.05
CA ASP B 231 -1.47 43.74 -44.59
C ASP B 231 -1.46 42.83 -43.36
N LYS B 232 -2.65 42.37 -42.98
CA LYS B 232 -2.80 41.65 -41.72
C LYS B 232 -4.16 40.97 -41.58
N ASP B 233 -4.62 40.89 -40.33
CA ASP B 233 -5.94 40.36 -39.92
C ASP B 233 -6.22 38.83 -39.85
N PRO B 234 -5.18 37.96 -39.84
CA PRO B 234 -5.64 36.59 -39.60
C PRO B 234 -5.60 36.33 -38.10
N ASN B 235 -6.60 35.64 -37.55
CA ASN B 235 -6.65 35.35 -36.12
C ASN B 235 -6.99 36.57 -35.25
N ARG B 236 -7.37 37.69 -35.86
CA ARG B 236 -7.66 38.90 -35.09
C ARG B 236 -9.02 38.83 -34.40
N GLU B 237 -9.68 37.69 -34.56
CA GLU B 237 -10.95 37.47 -33.88
C GLU B 237 -10.74 36.25 -32.99
N PHE B 238 -9.89 35.33 -33.48
CA PHE B 238 -9.50 34.11 -32.78
C PHE B 238 -8.61 34.36 -31.58
N LEU B 239 -7.58 35.17 -31.77
CA LEU B 239 -6.61 35.48 -30.73
C LEU B 239 -7.32 36.27 -29.64
N LEU B 240 -8.13 37.23 -30.08
CA LEU B 240 -8.92 38.01 -29.16
C LEU B 240 -9.80 37.10 -28.29
N LEU B 241 -10.47 36.10 -28.91
CA LEU B 241 -11.30 35.17 -28.13
C LEU B 241 -10.47 34.36 -27.18
N GLN B 242 -9.29 33.93 -27.61
CA GLN B 242 -8.43 33.17 -26.72
C GLN B 242 -8.12 34.02 -25.48
N GLY B 243 -7.93 35.33 -25.69
CA GLY B 243 -7.70 36.22 -24.57
C GLY B 243 -8.90 36.33 -23.64
N VAL B 244 -10.04 36.69 -24.21
CA VAL B 244 -11.29 36.80 -23.46
C VAL B 244 -11.64 35.55 -22.65
N ARG B 245 -11.48 34.40 -23.28
CA ARG B 245 -11.85 33.14 -22.68
C ARG B 245 -10.86 32.74 -21.57
N PHE B 246 -9.58 33.00 -21.80
CA PHE B 246 -8.59 32.79 -20.74
C PHE B 246 -8.90 33.65 -19.51
N ALA B 247 -9.22 34.92 -19.77
CA ALA B 247 -9.55 35.85 -18.71
C ALA B 247 -10.75 35.33 -17.92
N PHE B 248 -11.82 34.97 -18.61
CA PHE B 248 -13.00 34.44 -17.91
C PHE B 248 -12.69 33.22 -17.06
N ARG B 249 -11.91 32.30 -17.64
CA ARG B 249 -11.55 31.04 -16.97
C ARG B 249 -10.87 31.35 -15.62
N VAL B 250 -9.89 32.26 -15.69
CA VAL B 250 -9.15 32.65 -14.50
C VAL B 250 -10.00 33.40 -13.50
N HIS B 251 -10.85 34.28 -14.02
CA HIS B 251 -11.75 35.05 -13.19
C HIS B 251 -12.61 34.11 -12.35
N GLN B 252 -13.05 33.02 -12.96
CA GLN B 252 -13.90 32.07 -12.25
C GLN B 252 -13.11 31.26 -11.24
N PHE B 253 -11.84 30.99 -11.57
CA PHE B 253 -10.99 30.18 -10.71
C PHE B 253 -10.60 30.96 -9.43
N ALA B 254 -10.09 32.16 -9.64
CA ALA B 254 -9.51 32.99 -8.58
C ALA B 254 -10.57 33.64 -7.69
N GLY B 255 -11.76 33.82 -8.22
CA GLY B 255 -12.83 34.39 -7.42
C GLY B 255 -13.23 35.81 -7.78
N GLY B 256 -12.44 36.46 -8.63
CA GLY B 256 -12.81 37.76 -9.15
C GLY B 256 -11.63 38.46 -9.78
N PHE B 257 -11.84 39.70 -10.23
CA PHE B 257 -10.76 40.49 -10.81
C PHE B 257 -10.62 41.76 -9.99
N ASP B 258 -9.40 42.29 -9.93
CA ASP B 258 -9.18 43.56 -9.25
C ASP B 258 -9.51 44.71 -10.20
N ALA B 259 -9.05 45.91 -9.89
CA ALA B 259 -9.37 47.06 -10.71
C ALA B 259 -8.62 46.98 -12.03
N GLU B 260 -7.30 46.88 -11.93
CA GLU B 260 -6.39 47.01 -13.07
C GLU B 260 -6.51 45.91 -14.12
N SER B 261 -6.80 44.69 -13.70
CA SER B 261 -6.93 43.60 -14.64
C SER B 261 -8.33 43.59 -15.27
N MET B 262 -9.34 44.00 -14.49
CA MET B 262 -10.66 44.19 -15.07
C MET B 262 -10.56 45.31 -16.12
N LYS B 263 -9.64 46.24 -15.88
CA LYS B 263 -9.36 47.31 -16.84
C LYS B 263 -8.72 46.74 -18.10
N ALA B 264 -7.75 45.83 -17.95
CA ALA B 264 -7.17 45.16 -19.13
C ALA B 264 -8.25 44.38 -19.89
N PHE B 265 -9.26 43.92 -19.16
CA PHE B 265 -10.34 43.17 -19.77
C PHE B 265 -11.25 44.08 -20.59
N GLU B 266 -11.54 45.28 -20.10
CA GLU B 266 -12.23 46.26 -20.96
C GLU B 266 -11.35 46.66 -22.15
N GLU B 267 -10.04 46.77 -21.93
CA GLU B 267 -9.12 47.07 -23.04
C GLU B 267 -9.13 45.95 -24.09
N LEU B 268 -9.62 44.79 -23.71
CA LEU B 268 -9.75 43.71 -24.69
C LEU B 268 -11.15 43.67 -25.28
N ARG B 269 -12.15 43.96 -24.45
CA ARG B 269 -13.56 43.92 -24.84
C ARG B 269 -13.88 44.89 -25.96
N SER B 270 -13.09 45.94 -26.08
CA SER B 270 -13.38 46.97 -27.05
C SER B 270 -12.53 46.77 -28.30
N ARG B 271 -12.80 45.70 -29.04
CA ARG B 271 -12.13 45.45 -30.31
C ARG B 271 -13.09 44.78 -31.30
#